data_6MJD
#
_entry.id   6MJD
#
_entity_poly.entity_id   1
_entity_poly.type   'polypeptide(L)'
_entity_poly.pdbx_seq_one_letter_code
;RDCCT(HYP)(HYP)KKCKDRRCK(HYP)LKCCA(NH2)
;
_entity_poly.pdbx_strand_id   A
#
# COMPACT_ATOMS: atom_id res chain seq x y z
N ARG A 1 -3.54 0.94 7.63
CA ARG A 1 -3.49 -0.51 7.45
C ARG A 1 -3.99 -0.95 6.07
N ASP A 2 -5.09 -0.40 5.60
CA ASP A 2 -5.63 -0.80 4.32
C ASP A 2 -4.99 0.01 3.22
N CYS A 3 -4.16 -0.64 2.47
CA CYS A 3 -3.41 0.01 1.42
C CYS A 3 -3.69 -0.61 0.04
N CYS A 4 -4.10 -1.85 0.04
CA CYS A 4 -4.24 -2.64 -1.18
C CYS A 4 -5.66 -2.54 -1.75
N THR A 5 -6.56 -1.84 -1.06
CA THR A 5 -7.91 -1.67 -1.56
C THR A 5 -7.87 -0.84 -2.85
N LYS A 8 -5.53 1.39 -5.26
CA LYS A 8 -4.65 1.22 -4.13
C LYS A 8 -4.26 2.52 -3.49
N LYS A 9 -4.51 2.58 -2.22
CA LYS A 9 -4.25 3.74 -1.42
C LYS A 9 -2.93 3.62 -0.72
N CYS A 10 -1.97 3.08 -1.43
CA CYS A 10 -0.62 2.96 -0.95
C CYS A 10 0.10 4.28 -1.19
N LYS A 11 -0.25 5.25 -0.40
CA LYS A 11 0.36 6.53 -0.50
C LYS A 11 1.44 6.67 0.55
N ASP A 12 1.31 5.94 1.62
CA ASP A 12 2.26 6.03 2.70
C ASP A 12 3.31 4.94 2.60
N ARG A 13 4.53 5.26 3.00
CA ARG A 13 5.67 4.35 2.96
C ARG A 13 5.44 3.09 3.81
N ARG A 14 4.57 3.18 4.80
CA ARG A 14 4.25 2.04 5.64
C ARG A 14 3.44 0.99 4.88
N CYS A 15 2.95 1.37 3.72
CA CYS A 15 2.21 0.47 2.85
C CYS A 15 3.14 -0.11 1.78
N LYS A 16 4.40 0.30 1.81
CA LYS A 16 5.37 -0.11 0.79
C LYS A 16 5.88 -1.58 0.99
N LEU A 18 4.23 -4.02 1.46
CA LEU A 18 3.16 -4.80 0.93
C LEU A 18 3.38 -4.93 -0.56
N LYS A 19 3.46 -6.16 -1.06
CA LYS A 19 3.72 -6.41 -2.48
C LYS A 19 2.49 -6.05 -3.34
N CYS A 20 1.40 -5.69 -2.69
CA CYS A 20 0.24 -5.21 -3.39
C CYS A 20 0.58 -3.82 -3.94
N CYS A 21 1.49 -3.16 -3.27
CA CYS A 21 1.96 -1.87 -3.65
C CYS A 21 3.26 -2.05 -4.39
N ALA A 22 3.17 -2.22 -5.68
CA ALA A 22 4.35 -2.45 -6.48
C ALA A 22 4.29 -1.64 -7.76
N ARG A 1 -4.32 0.90 8.18
CA ARG A 1 -4.39 1.41 6.83
C ARG A 1 -4.34 0.29 5.83
N ASP A 2 -5.38 0.16 5.03
CA ASP A 2 -5.40 -0.82 3.98
C ASP A 2 -4.75 -0.21 2.76
N CYS A 3 -3.80 -0.88 2.22
CA CYS A 3 -3.10 -0.42 1.06
C CYS A 3 -3.20 -1.39 -0.10
N CYS A 4 -3.92 -2.48 0.07
CA CYS A 4 -4.00 -3.48 -1.00
C CYS A 4 -5.37 -3.48 -1.68
N THR A 5 -6.39 -3.06 -1.00
CA THR A 5 -7.70 -3.06 -1.56
C THR A 5 -7.85 -1.85 -2.50
N LYS A 8 -6.34 1.52 -4.04
CA LYS A 8 -5.32 1.62 -3.03
C LYS A 8 -4.41 2.79 -3.33
N LYS A 9 -3.95 3.43 -2.30
CA LYS A 9 -3.18 4.64 -2.44
C LYS A 9 -1.77 4.44 -1.89
N CYS A 10 -0.82 4.26 -2.77
CA CYS A 10 0.55 4.09 -2.38
C CYS A 10 1.20 5.42 -2.06
N LYS A 11 1.16 5.77 -0.82
CA LYS A 11 1.80 6.97 -0.37
C LYS A 11 2.47 6.77 0.97
N ASP A 12 1.72 6.29 1.93
CA ASP A 12 2.26 6.09 3.28
C ASP A 12 3.22 4.91 3.31
N ARG A 13 4.18 4.97 4.22
CA ARG A 13 5.20 3.95 4.42
C ARG A 13 4.58 2.57 4.61
N ARG A 14 3.41 2.51 5.24
CA ARG A 14 2.76 1.24 5.53
C ARG A 14 2.34 0.49 4.28
N CYS A 15 2.27 1.18 3.17
CA CYS A 15 1.89 0.52 1.94
C CYS A 15 3.12 -0.02 1.24
N LYS A 16 4.28 0.44 1.65
CA LYS A 16 5.53 0.12 0.96
C LYS A 16 6.01 -1.35 1.14
N LEU A 18 4.30 -3.83 1.22
CA LEU A 18 3.26 -4.62 0.65
C LEU A 18 3.45 -4.74 -0.85
N LYS A 19 3.48 -5.98 -1.33
CA LYS A 19 3.69 -6.26 -2.75
C LYS A 19 2.52 -5.81 -3.61
N CYS A 20 1.39 -5.55 -2.99
CA CYS A 20 0.24 -5.04 -3.71
C CYS A 20 0.51 -3.61 -4.17
N CYS A 21 1.52 -3.00 -3.57
CA CYS A 21 1.89 -1.64 -3.87
C CYS A 21 3.03 -1.64 -4.92
N ALA A 22 3.36 -2.80 -5.44
CA ALA A 22 4.39 -2.90 -6.45
C ALA A 22 3.75 -2.97 -7.84
N ARG A 1 -5.02 -5.19 7.60
CA ARG A 1 -5.54 -4.17 6.72
C ARG A 1 -4.69 -4.09 5.46
N ASP A 2 -5.32 -4.25 4.32
CA ASP A 2 -4.66 -4.12 3.05
C ASP A 2 -4.93 -2.73 2.55
N CYS A 3 -3.91 -2.02 2.22
CA CYS A 3 -4.05 -0.64 1.77
C CYS A 3 -4.29 -0.59 0.27
N CYS A 4 -4.00 -1.68 -0.42
CA CYS A 4 -4.14 -1.73 -1.88
C CYS A 4 -5.59 -1.91 -2.32
N THR A 5 -6.51 -1.90 -1.38
CA THR A 5 -7.88 -1.96 -1.73
C THR A 5 -8.32 -0.54 -2.10
N LYS A 8 -6.81 3.47 -2.81
CA LYS A 8 -5.59 3.05 -2.19
C LYS A 8 -4.56 4.16 -2.24
N LYS A 9 -3.54 4.06 -1.41
CA LYS A 9 -2.44 4.99 -1.44
C LYS A 9 -1.17 4.21 -1.71
N CYS A 10 -0.92 3.90 -2.94
CA CYS A 10 0.20 3.06 -3.29
C CYS A 10 1.49 3.89 -3.36
N LYS A 11 1.34 5.21 -3.39
CA LYS A 11 2.49 6.09 -3.44
C LYS A 11 2.94 6.41 -2.02
N ASP A 12 2.08 6.10 -1.07
CA ASP A 12 2.38 6.40 0.32
C ASP A 12 3.19 5.26 0.89
N ARG A 13 4.25 5.62 1.59
CA ARG A 13 5.21 4.67 2.16
C ARG A 13 4.57 3.66 3.09
N ARG A 14 3.47 4.05 3.75
CA ARG A 14 2.83 3.17 4.72
C ARG A 14 2.22 1.96 4.01
N CYS A 15 1.96 2.09 2.73
CA CYS A 15 1.33 1.05 1.95
C CYS A 15 2.36 0.40 1.03
N LYS A 16 3.62 0.77 1.20
CA LYS A 16 4.69 0.23 0.38
C LYS A 16 5.39 -1.03 0.97
N LEU A 18 3.72 -3.49 1.92
CA LEU A 18 2.70 -4.41 1.53
C LEU A 18 3.02 -4.86 0.13
N LYS A 19 3.04 -6.17 -0.07
CA LYS A 19 3.55 -6.82 -1.31
C LYS A 19 2.96 -6.23 -2.60
N CYS A 20 1.71 -5.83 -2.54
CA CYS A 20 1.00 -5.25 -3.66
C CYS A 20 1.61 -3.90 -4.13
N CYS A 21 2.40 -3.27 -3.27
CA CYS A 21 3.06 -2.02 -3.60
C CYS A 21 4.51 -2.04 -3.12
N ALA A 22 5.03 -3.23 -2.91
CA ALA A 22 6.39 -3.41 -2.46
C ALA A 22 7.28 -3.77 -3.64
N ARG A 1 -2.77 -5.00 6.82
CA ARG A 1 -3.57 -3.87 6.38
C ARG A 1 -3.73 -3.92 4.89
N ASP A 2 -4.95 -3.77 4.41
CA ASP A 2 -5.15 -3.71 2.98
C ASP A 2 -4.92 -2.29 2.54
N CYS A 3 -4.13 -2.13 1.54
CA CYS A 3 -3.86 -0.83 1.02
C CYS A 3 -4.27 -0.75 -0.46
N CYS A 4 -4.48 -1.92 -1.05
CA CYS A 4 -4.79 -2.03 -2.46
C CYS A 4 -6.28 -1.88 -2.73
N THR A 5 -7.05 -1.63 -1.71
CA THR A 5 -8.45 -1.40 -1.90
C THR A 5 -8.63 0.02 -2.41
N LYS A 8 -6.42 3.21 -3.90
CA LYS A 8 -5.24 2.59 -3.37
C LYS A 8 -4.33 3.61 -2.76
N LYS A 9 -3.84 3.30 -1.62
CA LYS A 9 -3.02 4.22 -0.88
C LYS A 9 -1.56 3.81 -0.97
N CYS A 10 -1.24 3.05 -2.02
CA CYS A 10 0.13 2.55 -2.30
C CYS A 10 1.09 3.71 -2.65
N LYS A 11 0.52 4.89 -2.67
CA LYS A 11 1.24 6.12 -2.90
C LYS A 11 1.98 6.51 -1.63
N ASP A 12 1.48 6.02 -0.51
CA ASP A 12 1.99 6.37 0.80
C ASP A 12 3.05 5.35 1.21
N ARG A 13 4.09 5.84 1.86
CA ARG A 13 5.20 5.01 2.37
C ARG A 13 4.70 3.93 3.37
N ARG A 14 3.53 4.18 3.97
CA ARG A 14 2.89 3.22 4.88
C ARG A 14 2.63 1.89 4.18
N CYS A 15 2.45 1.95 2.89
CA CYS A 15 2.13 0.77 2.11
C CYS A 15 3.34 0.25 1.34
N LYS A 16 4.50 0.76 1.67
CA LYS A 16 5.73 0.30 1.03
C LYS A 16 6.19 -1.09 1.56
N LEU A 18 4.19 -3.36 2.33
CA LEU A 18 3.13 -4.19 1.85
C LEU A 18 3.45 -4.60 0.44
N LYS A 19 3.69 -5.89 0.23
CA LYS A 19 4.15 -6.37 -1.06
C LYS A 19 3.09 -6.24 -2.16
N CYS A 20 1.84 -6.02 -1.76
CA CYS A 20 0.75 -5.79 -2.69
C CYS A 20 0.97 -4.45 -3.41
N CYS A 21 1.67 -3.54 -2.74
CA CYS A 21 1.98 -2.23 -3.30
C CYS A 21 3.43 -2.19 -3.77
N ALA A 22 4.07 -3.34 -3.76
CA ALA A 22 5.45 -3.42 -4.17
C ALA A 22 5.54 -4.07 -5.54
N ARG A 1 -3.07 -2.35 8.36
CA ARG A 1 -3.62 -1.40 7.40
C ARG A 1 -3.69 -2.01 6.02
N ASP A 2 -4.87 -2.39 5.60
CA ASP A 2 -5.07 -2.82 4.23
C ASP A 2 -4.99 -1.57 3.38
N CYS A 3 -4.04 -1.54 2.51
CA CYS A 3 -3.83 -0.35 1.72
C CYS A 3 -3.94 -0.66 0.22
N CYS A 4 -3.97 -1.94 -0.11
CA CYS A 4 -4.01 -2.34 -1.50
C CYS A 4 -5.43 -2.54 -1.98
N THR A 5 -6.38 -2.39 -1.10
CA THR A 5 -7.75 -2.47 -1.48
C THR A 5 -8.06 -1.23 -2.32
N LYS A 8 -6.15 2.24 -4.58
CA LYS A 8 -4.90 2.17 -3.90
C LYS A 8 -3.92 3.17 -4.48
N LYS A 9 -3.39 3.97 -3.61
CA LYS A 9 -2.40 4.95 -3.95
C LYS A 9 -1.30 4.87 -2.91
N CYS A 10 -0.16 4.40 -3.32
CA CYS A 10 0.95 4.23 -2.40
C CYS A 10 1.66 5.55 -2.09
N LYS A 11 1.00 6.37 -1.31
CA LYS A 11 1.57 7.63 -0.89
C LYS A 11 2.04 7.51 0.56
N ASP A 12 1.54 6.51 1.24
CA ASP A 12 1.86 6.29 2.62
C ASP A 12 2.85 5.15 2.69
N ARG A 13 3.92 5.33 3.46
CA ARG A 13 4.96 4.32 3.52
C ARG A 13 4.51 3.03 4.18
N ARG A 14 3.39 3.08 4.91
CA ARG A 14 2.86 1.85 5.53
C ARG A 14 2.34 0.91 4.46
N CYS A 15 2.10 1.46 3.29
CA CYS A 15 1.58 0.71 2.16
C CYS A 15 2.75 0.22 1.31
N LYS A 16 3.94 0.60 1.69
CA LYS A 16 5.12 0.31 0.89
C LYS A 16 5.69 -1.11 1.15
N LEU A 18 4.05 -3.60 1.70
CA LEU A 18 3.01 -4.43 1.22
C LEU A 18 3.30 -4.78 -0.24
N LYS A 19 3.53 -6.05 -0.49
CA LYS A 19 3.91 -6.54 -1.83
C LYS A 19 2.83 -6.34 -2.90
N CYS A 20 1.64 -6.02 -2.47
CA CYS A 20 0.52 -5.75 -3.36
C CYS A 20 0.58 -4.31 -3.90
N CYS A 21 1.44 -3.49 -3.29
CA CYS A 21 1.60 -2.11 -3.73
C CYS A 21 2.35 -2.06 -5.05
N ALA A 22 3.33 -2.94 -5.18
CA ALA A 22 4.13 -3.00 -6.36
C ALA A 22 4.24 -4.44 -6.81
N ARG A 1 -5.20 -1.03 8.81
CA ARG A 1 -6.10 -1.30 7.69
C ARG A 1 -5.33 -1.94 6.56
N ASP A 2 -6.04 -2.26 5.52
CA ASP A 2 -5.47 -2.82 4.33
C ASP A 2 -5.28 -1.71 3.31
N CYS A 3 -4.08 -1.52 2.85
CA CYS A 3 -3.79 -0.43 1.91
C CYS A 3 -4.00 -0.89 0.47
N CYS A 4 -4.10 -2.19 0.29
CA CYS A 4 -4.28 -2.78 -1.03
C CYS A 4 -5.72 -2.63 -1.49
N THR A 5 -6.58 -2.22 -0.58
CA THR A 5 -7.96 -2.05 -0.85
C THR A 5 -8.16 -0.97 -1.94
N LYS A 8 -6.61 1.95 -4.37
CA LYS A 8 -5.45 2.11 -3.50
C LYS A 8 -4.56 3.25 -3.95
N LYS A 9 -4.06 4.00 -2.99
CA LYS A 9 -3.16 5.09 -3.24
C LYS A 9 -1.86 4.76 -2.53
N CYS A 10 -0.91 4.22 -3.22
CA CYS A 10 0.34 3.91 -2.61
C CYS A 10 1.19 5.17 -2.56
N LYS A 11 1.05 5.89 -1.49
CA LYS A 11 1.74 7.13 -1.28
C LYS A 11 2.51 7.06 0.02
N ASP A 12 1.87 6.56 1.03
CA ASP A 12 2.47 6.46 2.34
C ASP A 12 3.36 5.22 2.41
N ARG A 13 4.44 5.35 3.16
CA ARG A 13 5.47 4.30 3.31
C ARG A 13 4.91 2.96 3.76
N ARG A 14 3.83 2.98 4.54
CA ARG A 14 3.22 1.74 5.04
C ARG A 14 2.72 0.84 3.91
N CYS A 15 2.56 1.38 2.73
CA CYS A 15 2.08 0.60 1.62
C CYS A 15 3.25 0.04 0.79
N LYS A 16 4.47 0.43 1.14
CA LYS A 16 5.67 0.01 0.40
C LYS A 16 6.16 -1.42 0.76
N LEU A 18 4.26 -3.76 1.21
CA LEU A 18 3.20 -4.53 0.66
C LEU A 18 3.46 -4.79 -0.81
N LYS A 19 3.34 -6.05 -1.19
CA LYS A 19 3.56 -6.51 -2.58
C LYS A 19 2.54 -5.88 -3.52
N CYS A 20 1.43 -5.45 -2.95
CA CYS A 20 0.37 -4.79 -3.67
C CYS A 20 0.83 -3.42 -4.21
N CYS A 21 1.96 -2.95 -3.72
CA CYS A 21 2.58 -1.74 -4.21
C CYS A 21 3.98 -2.06 -4.68
N ALA A 22 4.77 -2.66 -3.81
CA ALA A 22 6.12 -3.00 -4.09
C ALA A 22 6.40 -4.43 -3.66
N ARG A 1 -5.62 -0.17 8.46
CA ARG A 1 -5.96 0.34 7.13
C ARG A 1 -5.18 -0.49 6.11
N ASP A 2 -5.87 -1.03 5.13
CA ASP A 2 -5.20 -1.84 4.12
C ASP A 2 -4.82 -0.97 2.92
N CYS A 3 -3.57 -1.02 2.55
CA CYS A 3 -3.05 -0.19 1.46
C CYS A 3 -3.12 -0.90 0.11
N CYS A 4 -3.61 -2.10 0.08
CA CYS A 4 -3.60 -2.88 -1.14
C CYS A 4 -5.00 -2.97 -1.74
N THR A 5 -5.97 -2.40 -1.04
CA THR A 5 -7.31 -2.43 -1.52
C THR A 5 -7.46 -1.41 -2.65
N LYS A 8 -5.78 1.35 -4.98
CA LYS A 8 -4.76 1.46 -3.98
C LYS A 8 -3.80 2.58 -4.29
N LYS A 9 -3.47 3.30 -3.27
CA LYS A 9 -2.53 4.38 -3.34
C LYS A 9 -1.45 4.15 -2.32
N CYS A 10 -0.24 4.09 -2.76
CA CYS A 10 0.87 3.96 -1.86
C CYS A 10 1.31 5.36 -1.43
N LYS A 11 0.69 5.89 -0.41
CA LYS A 11 1.04 7.20 0.08
C LYS A 11 1.96 7.05 1.27
N ASP A 12 1.52 6.31 2.26
CA ASP A 12 2.33 6.14 3.44
C ASP A 12 3.35 5.04 3.18
N ARG A 13 4.50 5.21 3.77
CA ARG A 13 5.63 4.32 3.58
C ARG A 13 5.35 2.93 4.12
N ARG A 14 4.40 2.83 5.05
CA ARG A 14 4.01 1.55 5.63
C ARG A 14 3.34 0.68 4.57
N CYS A 15 2.90 1.30 3.50
CA CYS A 15 2.24 0.61 2.43
C CYS A 15 3.26 0.09 1.42
N LYS A 16 4.50 0.53 1.56
CA LYS A 16 5.54 0.25 0.57
C LYS A 16 6.09 -1.21 0.66
N LEU A 18 4.48 -3.71 1.24
CA LEU A 18 3.40 -4.50 0.76
C LEU A 18 3.48 -4.61 -0.75
N LYS A 19 3.77 -5.80 -1.24
CA LYS A 19 3.88 -6.03 -2.67
C LYS A 19 2.52 -5.90 -3.34
N CYS A 20 1.49 -5.96 -2.53
CA CYS A 20 0.14 -5.82 -3.02
C CYS A 20 -0.25 -4.36 -3.19
N CYS A 21 0.60 -3.42 -2.72
CA CYS A 21 0.29 -1.99 -2.85
C CYS A 21 0.59 -1.56 -4.28
N ALA A 22 1.61 -2.15 -4.85
CA ALA A 22 2.00 -1.86 -6.19
C ALA A 22 1.49 -2.97 -7.10
N ARG A 1 -8.74 -1.93 7.88
CA ARG A 1 -8.62 -1.57 6.48
C ARG A 1 -7.26 -1.98 5.98
N ASP A 2 -7.20 -2.35 4.73
CA ASP A 2 -5.95 -2.69 4.11
C ASP A 2 -5.61 -1.61 3.15
N CYS A 3 -4.35 -1.33 3.03
CA CYS A 3 -3.88 -0.32 2.09
C CYS A 3 -3.91 -0.89 0.66
N CYS A 4 -4.03 -2.22 0.57
CA CYS A 4 -4.07 -2.93 -0.69
C CYS A 4 -5.45 -2.80 -1.33
N THR A 5 -6.43 -2.36 -0.56
CA THR A 5 -7.76 -2.19 -1.04
C THR A 5 -7.76 -1.04 -2.06
N LYS A 8 -5.31 1.88 -4.07
CA LYS A 8 -4.26 1.69 -3.08
C LYS A 8 -3.73 3.03 -2.57
N LYS A 9 -3.39 3.05 -1.32
CA LYS A 9 -2.97 4.27 -0.63
C LYS A 9 -1.44 4.38 -0.64
N CYS A 10 -0.84 4.05 -1.79
CA CYS A 10 0.64 4.02 -1.99
C CYS A 10 1.32 5.41 -1.92
N LYS A 11 0.68 6.37 -1.30
CA LYS A 11 1.25 7.69 -1.11
C LYS A 11 2.11 7.69 0.15
N ASP A 12 1.87 6.72 1.00
CA ASP A 12 2.62 6.60 2.23
C ASP A 12 3.61 5.46 2.11
N ARG A 13 4.79 5.66 2.66
CA ARG A 13 5.88 4.69 2.62
C ARG A 13 5.48 3.34 3.20
N ARG A 14 4.56 3.32 4.14
CA ARG A 14 4.13 2.09 4.79
C ARG A 14 3.41 1.17 3.84
N CYS A 15 2.99 1.70 2.72
CA CYS A 15 2.30 0.90 1.74
C CYS A 15 3.25 0.37 0.67
N LYS A 16 4.51 0.78 0.72
CA LYS A 16 5.48 0.33 -0.29
C LYS A 16 6.04 -1.09 0.01
N LEU A 18 4.38 -3.43 1.00
CA LEU A 18 3.26 -4.25 0.67
C LEU A 18 3.36 -4.71 -0.77
N LYS A 19 3.36 -6.02 -0.95
CA LYS A 19 3.52 -6.66 -2.23
C LYS A 19 2.37 -6.34 -3.20
N CYS A 20 1.27 -5.88 -2.65
CA CYS A 20 0.13 -5.48 -3.45
C CYS A 20 0.43 -4.18 -4.20
N CYS A 21 1.32 -3.39 -3.64
CA CYS A 21 1.71 -2.14 -4.25
C CYS A 21 3.00 -2.36 -5.01
N ALA A 22 3.94 -3.01 -4.35
CA ALA A 22 5.21 -3.29 -4.92
C ALA A 22 5.32 -4.77 -5.27
N ARG A 1 -7.98 -3.72 8.72
CA ARG A 1 -8.03 -2.72 7.65
C ARG A 1 -7.01 -3.11 6.61
N ASP A 2 -7.37 -2.94 5.36
CA ASP A 2 -6.51 -3.38 4.28
C ASP A 2 -6.05 -2.19 3.45
N CYS A 3 -4.76 -2.04 3.36
CA CYS A 3 -4.13 -0.92 2.67
C CYS A 3 -4.39 -0.99 1.15
N CYS A 4 -4.66 -2.18 0.66
CA CYS A 4 -4.82 -2.40 -0.76
C CYS A 4 -6.27 -2.15 -1.19
N THR A 5 -7.12 -1.83 -0.24
CA THR A 5 -8.48 -1.55 -0.55
C THR A 5 -8.58 -0.15 -1.21
N LYS A 8 -6.00 2.58 -3.32
CA LYS A 8 -4.78 2.14 -2.72
C LYS A 8 -3.65 2.99 -3.20
N LYS A 9 -2.89 3.47 -2.29
CA LYS A 9 -1.79 4.34 -2.59
C LYS A 9 -0.48 3.61 -2.42
N CYS A 10 0.08 3.22 -3.53
CA CYS A 10 1.32 2.48 -3.57
C CYS A 10 2.51 3.40 -3.40
N LYS A 11 2.29 4.69 -3.51
CA LYS A 11 3.33 5.67 -3.31
C LYS A 11 3.30 6.19 -1.88
N ASP A 12 2.39 5.66 -1.10
CA ASP A 12 2.31 6.03 0.29
C ASP A 12 3.02 4.97 1.07
N ARG A 13 3.70 5.38 2.12
CA ARG A 13 4.50 4.49 2.92
C ARG A 13 3.72 3.29 3.47
N ARG A 14 2.41 3.47 3.68
CA ARG A 14 1.58 2.40 4.23
C ARG A 14 1.53 1.16 3.32
N CYS A 15 1.74 1.36 2.02
CA CYS A 15 1.77 0.25 1.08
C CYS A 15 3.12 0.17 0.39
N LYS A 16 4.12 0.80 0.98
CA LYS A 16 5.43 0.85 0.37
C LYS A 16 6.31 -0.39 0.71
N LEU A 18 4.85 -3.29 1.42
CA LEU A 18 3.95 -4.35 1.05
C LEU A 18 4.17 -4.78 -0.39
N LYS A 19 4.19 -6.09 -0.60
CA LYS A 19 4.35 -6.70 -1.92
C LYS A 19 3.11 -6.46 -2.78
N CYS A 20 2.08 -5.97 -2.12
CA CYS A 20 0.85 -5.58 -2.73
C CYS A 20 1.08 -4.34 -3.63
N CYS A 21 2.13 -3.62 -3.34
CA CYS A 21 2.54 -2.48 -4.12
C CYS A 21 4.04 -2.57 -4.34
N ALA A 22 4.64 -1.54 -4.88
CA ALA A 22 6.07 -1.52 -5.09
C ALA A 22 6.79 -1.07 -3.82
N ARG A 1 -2.97 -2.31 8.03
CA ARG A 1 -4.00 -1.55 7.32
C ARG A 1 -3.96 -1.97 5.86
N ASP A 2 -5.12 -2.30 5.31
CA ASP A 2 -5.19 -2.69 3.91
C ASP A 2 -4.98 -1.47 3.04
N CYS A 3 -4.09 -1.57 2.12
CA CYS A 3 -3.82 -0.50 1.21
C CYS A 3 -4.02 -0.93 -0.23
N CYS A 4 -4.27 -2.21 -0.43
CA CYS A 4 -4.41 -2.77 -1.77
C CYS A 4 -5.83 -2.59 -2.30
N THR A 5 -6.74 -2.20 -1.43
CA THR A 5 -8.09 -1.97 -1.82
C THR A 5 -8.16 -0.64 -2.59
N LYS A 8 -5.78 2.40 -4.28
CA LYS A 8 -4.73 1.90 -3.46
C LYS A 8 -4.02 3.00 -2.71
N LYS A 9 -3.70 2.73 -1.47
CA LYS A 9 -3.09 3.70 -0.58
C LYS A 9 -1.56 3.61 -0.68
N CYS A 10 -1.11 3.10 -1.81
CA CYS A 10 0.31 2.82 -2.06
C CYS A 10 1.16 4.08 -2.22
N LYS A 11 0.57 5.25 -2.06
CA LYS A 11 1.29 6.50 -2.12
C LYS A 11 2.01 6.73 -0.80
N ASP A 12 1.51 6.11 0.26
CA ASP A 12 2.07 6.28 1.57
C ASP A 12 3.03 5.16 1.87
N ARG A 13 4.15 5.49 2.50
CA ARG A 13 5.19 4.54 2.80
C ARG A 13 4.75 3.42 3.74
N ARG A 14 3.71 3.65 4.56
CA ARG A 14 3.21 2.59 5.44
C ARG A 14 2.64 1.45 4.60
N CYS A 15 2.19 1.78 3.41
CA CYS A 15 1.59 0.84 2.50
C CYS A 15 2.61 0.34 1.49
N LYS A 16 3.82 0.86 1.58
CA LYS A 16 4.87 0.55 0.59
C LYS A 16 5.49 -0.87 0.81
N LEU A 18 3.94 -3.45 1.57
CA LEU A 18 2.92 -4.35 1.13
C LEU A 18 3.18 -4.75 -0.29
N LYS A 19 3.20 -6.05 -0.53
CA LYS A 19 3.57 -6.57 -1.83
C LYS A 19 2.61 -6.16 -2.95
N CYS A 20 1.39 -5.79 -2.61
CA CYS A 20 0.45 -5.29 -3.61
C CYS A 20 0.89 -3.90 -4.11
N CYS A 21 1.63 -3.20 -3.29
CA CYS A 21 2.12 -1.88 -3.65
C CYS A 21 3.53 -1.97 -4.20
N ALA A 22 4.10 -3.14 -4.15
CA ALA A 22 5.42 -3.38 -4.68
C ALA A 22 5.30 -3.85 -6.12
N ARG A 1 -5.63 -1.19 8.99
CA ARG A 1 -6.29 -0.67 7.80
C ARG A 1 -5.69 -1.34 6.61
N ASP A 2 -6.53 -1.93 5.80
CA ASP A 2 -6.06 -2.51 4.57
C ASP A 2 -5.81 -1.38 3.62
N CYS A 3 -4.77 -1.47 2.91
CA CYS A 3 -4.44 -0.48 1.94
C CYS A 3 -4.64 -1.04 0.53
N CYS A 4 -4.35 -2.34 0.37
CA CYS A 4 -4.34 -3.03 -0.94
C CYS A 4 -5.68 -2.98 -1.69
N THR A 5 -6.77 -2.83 -0.98
CA THR A 5 -8.05 -2.75 -1.63
C THR A 5 -8.13 -1.40 -2.38
N LYS A 8 -5.56 2.20 -3.63
CA LYS A 8 -4.54 1.90 -2.64
C LYS A 8 -3.49 2.99 -2.59
N LYS A 9 -3.16 3.41 -1.39
CA LYS A 9 -2.18 4.47 -1.18
C LYS A 9 -0.75 3.92 -1.14
N CYS A 10 -0.34 3.29 -2.21
CA CYS A 10 1.00 2.75 -2.36
C CYS A 10 2.05 3.88 -2.37
N LYS A 11 1.56 5.09 -2.55
CA LYS A 11 2.35 6.29 -2.49
C LYS A 11 2.83 6.52 -1.04
N ASP A 12 2.03 6.07 -0.08
CA ASP A 12 2.37 6.22 1.33
C ASP A 12 3.32 5.10 1.72
N ARG A 13 4.31 5.44 2.53
CA ARG A 13 5.34 4.49 2.97
C ARG A 13 4.74 3.25 3.62
N ARG A 14 3.63 3.42 4.30
CA ARG A 14 2.98 2.31 5.02
C ARG A 14 2.49 1.23 4.07
N CYS A 15 2.21 1.62 2.85
CA CYS A 15 1.69 0.69 1.88
C CYS A 15 2.80 0.24 0.94
N LYS A 16 3.99 0.78 1.13
CA LYS A 16 5.12 0.48 0.26
C LYS A 16 5.64 -0.99 0.48
N LEU A 18 4.02 -3.55 1.11
CA LEU A 18 2.97 -4.46 0.71
C LEU A 18 3.22 -4.95 -0.70
N LYS A 19 3.03 -6.25 -0.92
CA LYS A 19 3.26 -6.86 -2.23
C LYS A 19 2.23 -6.42 -3.27
N CYS A 20 1.14 -5.84 -2.79
CA CYS A 20 0.10 -5.29 -3.66
C CYS A 20 0.56 -3.94 -4.24
N CYS A 21 1.62 -3.41 -3.66
CA CYS A 21 2.13 -2.14 -4.05
C CYS A 21 3.58 -2.25 -4.45
N ALA A 22 4.11 -1.21 -5.03
CA ALA A 22 5.49 -1.15 -5.40
C ALA A 22 6.28 -0.67 -4.20
N ARG A 1 -4.40 -0.74 7.44
CA ARG A 1 -4.01 -0.05 6.20
C ARG A 1 -4.18 -0.98 5.00
N ASP A 2 -5.23 -0.76 4.24
CA ASP A 2 -5.50 -1.56 3.07
C ASP A 2 -5.05 -0.81 1.85
N CYS A 3 -4.02 -1.27 1.25
CA CYS A 3 -3.45 -0.63 0.11
C CYS A 3 -3.48 -1.49 -1.13
N CYS A 4 -4.02 -2.66 -1.01
CA CYS A 4 -4.32 -3.47 -2.17
C CYS A 4 -5.80 -3.44 -2.45
N THR A 5 -6.58 -3.17 -1.44
CA THR A 5 -7.98 -3.05 -1.60
C THR A 5 -8.28 -1.64 -2.12
N LYS A 8 -7.13 2.12 -3.41
CA LYS A 8 -5.89 1.94 -2.75
C LYS A 8 -5.01 3.16 -2.82
N LYS A 9 -4.38 3.43 -1.72
CA LYS A 9 -3.53 4.58 -1.56
C LYS A 9 -2.10 4.12 -1.30
N CYS A 10 -1.28 4.25 -2.29
CA CYS A 10 0.09 3.73 -2.24
C CYS A 10 1.06 4.86 -1.92
N LYS A 11 0.50 6.03 -1.64
CA LYS A 11 1.25 7.25 -1.35
C LYS A 11 2.26 7.10 -0.21
N ASP A 12 1.90 6.37 0.82
CA ASP A 12 2.75 6.31 2.00
C ASP A 12 3.51 5.00 2.09
N ARG A 13 4.75 5.12 2.58
CA ARG A 13 5.71 4.03 2.80
C ARG A 13 5.13 2.89 3.65
N ARG A 14 4.11 3.19 4.44
CA ARG A 14 3.43 2.20 5.28
C ARG A 14 2.89 1.05 4.43
N CYS A 15 2.55 1.34 3.20
CA CYS A 15 1.99 0.36 2.31
C CYS A 15 2.99 -0.14 1.30
N LYS A 16 4.23 0.22 1.51
CA LYS A 16 5.31 -0.17 0.61
C LYS A 16 5.80 -1.64 0.90
N LEU A 18 3.60 -3.89 1.47
CA LEU A 18 2.44 -4.52 0.93
C LEU A 18 2.68 -4.82 -0.53
N LYS A 19 2.25 -6.00 -0.97
CA LYS A 19 2.55 -6.56 -2.30
C LYS A 19 2.38 -5.57 -3.44
N CYS A 20 1.30 -4.83 -3.43
CA CYS A 20 0.97 -3.90 -4.50
C CYS A 20 1.95 -2.71 -4.58
N CYS A 21 2.72 -2.51 -3.54
CA CYS A 21 3.63 -1.40 -3.51
C CYS A 21 5.05 -1.84 -3.15
N ALA A 22 5.27 -3.13 -3.16
CA ALA A 22 6.55 -3.67 -2.78
C ALA A 22 7.51 -3.67 -3.98
N ARG A 1 -2.28 -2.89 7.66
CA ARG A 1 -2.44 -1.62 6.98
C ARG A 1 -3.04 -1.85 5.61
N ASP A 2 -4.31 -1.55 5.48
CA ASP A 2 -5.00 -1.70 4.23
C ASP A 2 -4.66 -0.58 3.31
N CYS A 3 -3.93 -0.92 2.32
CA CYS A 3 -3.54 0.02 1.32
C CYS A 3 -4.16 -0.38 0.00
N CYS A 4 -4.31 -1.68 -0.20
CA CYS A 4 -4.82 -2.25 -1.43
C CYS A 4 -6.35 -2.18 -1.52
N THR A 5 -6.93 -1.27 -0.79
CA THR A 5 -8.32 -1.03 -0.86
C THR A 5 -8.59 -0.19 -2.12
N LYS A 8 -6.62 1.86 -5.01
CA LYS A 8 -5.52 1.92 -4.11
C LYS A 8 -4.42 2.82 -4.65
N LYS A 9 -3.76 3.50 -3.75
CA LYS A 9 -2.62 4.29 -4.10
C LYS A 9 -1.58 4.06 -3.04
N CYS A 10 -0.37 3.85 -3.45
CA CYS A 10 0.71 3.71 -2.52
C CYS A 10 1.21 5.07 -2.10
N LYS A 11 0.53 5.65 -1.15
CA LYS A 11 0.91 6.93 -0.65
C LYS A 11 1.35 6.83 0.79
N ASP A 12 0.79 5.90 1.51
CA ASP A 12 1.14 5.70 2.89
C ASP A 12 2.45 4.93 2.94
N ARG A 13 3.36 5.31 3.81
CA ARG A 13 4.67 4.67 3.89
C ARG A 13 4.54 3.23 4.32
N ARG A 14 3.52 2.94 5.11
CA ARG A 14 3.27 1.60 5.63
C ARG A 14 2.77 0.69 4.52
N CYS A 15 2.51 1.27 3.37
CA CYS A 15 2.06 0.54 2.21
C CYS A 15 3.26 0.06 1.40
N LYS A 16 4.41 0.65 1.64
CA LYS A 16 5.60 0.34 0.83
C LYS A 16 6.17 -1.11 1.08
N LEU A 18 4.48 -3.62 1.50
CA LEU A 18 3.47 -4.50 0.98
C LEU A 18 3.79 -4.85 -0.45
N LYS A 19 3.87 -6.13 -0.71
CA LYS A 19 4.21 -6.62 -2.03
C LYS A 19 3.04 -6.37 -2.98
N CYS A 20 1.87 -6.23 -2.39
CA CYS A 20 0.66 -5.88 -3.09
C CYS A 20 0.78 -4.44 -3.66
N CYS A 21 1.62 -3.65 -3.03
CA CYS A 21 1.83 -2.28 -3.45
C CYS A 21 2.82 -2.23 -4.60
N ALA A 22 3.97 -2.85 -4.38
CA ALA A 22 5.02 -2.84 -5.36
C ALA A 22 4.88 -4.04 -6.28
N ARG A 1 -6.06 0.31 8.54
CA ARG A 1 -6.95 -0.02 7.44
C ARG A 1 -6.15 -0.75 6.37
N ASP A 2 -6.81 -1.52 5.53
CA ASP A 2 -6.10 -2.23 4.47
C ASP A 2 -5.77 -1.27 3.37
N CYS A 3 -4.50 -0.98 3.21
CA CYS A 3 -4.04 -0.08 2.18
C CYS A 3 -4.23 -0.71 0.80
N CYS A 4 -4.24 -2.03 0.77
CA CYS A 4 -4.37 -2.78 -0.46
C CYS A 4 -5.79 -2.74 -1.02
N THR A 5 -6.75 -2.25 -0.25
CA THR A 5 -8.10 -2.17 -0.73
C THR A 5 -8.16 -1.11 -1.85
N LYS A 8 -5.82 1.27 -4.20
CA LYS A 8 -4.67 1.09 -3.33
C LYS A 8 -3.57 2.02 -3.75
N LYS A 9 -3.34 2.98 -2.93
CA LYS A 9 -2.37 4.00 -3.22
C LYS A 9 -1.09 3.75 -2.48
N CYS A 10 -0.06 3.40 -3.20
CA CYS A 10 1.23 3.25 -2.60
C CYS A 10 1.84 4.63 -2.46
N LYS A 11 1.41 5.31 -1.45
CA LYS A 11 1.86 6.63 -1.15
C LYS A 11 2.34 6.67 0.29
N ASP A 12 1.62 5.99 1.15
CA ASP A 12 1.99 5.94 2.54
C ASP A 12 3.11 4.93 2.69
N ARG A 13 4.06 5.23 3.55
CA ARG A 13 5.24 4.37 3.77
C ARG A 13 4.85 2.96 4.23
N ARG A 14 3.73 2.86 4.92
CA ARG A 14 3.25 1.58 5.42
C ARG A 14 2.82 0.67 4.28
N CYS A 15 2.59 1.27 3.13
CA CYS A 15 2.13 0.54 1.98
C CYS A 15 3.31 0.12 1.11
N LYS A 16 4.52 0.56 1.48
CA LYS A 16 5.70 0.26 0.67
C LYS A 16 6.19 -1.22 0.84
N LEU A 18 4.34 -3.68 1.35
CA LEU A 18 3.25 -4.49 0.87
C LEU A 18 3.45 -4.83 -0.60
N LYS A 19 3.13 -6.07 -0.95
CA LYS A 19 3.24 -6.57 -2.34
C LYS A 19 2.31 -5.83 -3.27
N CYS A 20 1.34 -5.15 -2.68
CA CYS A 20 0.37 -4.35 -3.39
C CYS A 20 1.03 -3.12 -4.01
N CYS A 21 2.23 -2.80 -3.57
CA CYS A 21 2.95 -1.70 -4.11
C CYS A 21 3.92 -2.19 -5.17
N ALA A 22 3.52 -2.05 -6.41
CA ALA A 22 4.33 -2.46 -7.53
C ALA A 22 4.90 -1.24 -8.24
N ARG A 1 -7.99 -1.21 7.28
CA ARG A 1 -6.55 -1.09 7.44
C ARG A 1 -5.85 -1.48 6.16
N ASP A 2 -6.42 -2.47 5.46
CA ASP A 2 -5.83 -3.01 4.23
C ASP A 2 -5.65 -1.96 3.19
N CYS A 3 -4.42 -1.73 2.85
CA CYS A 3 -4.08 -0.74 1.86
C CYS A 3 -3.98 -1.41 0.50
N CYS A 4 -4.20 -2.71 0.44
CA CYS A 4 -4.27 -3.38 -0.84
C CYS A 4 -5.70 -3.29 -1.38
N THR A 5 -6.62 -2.90 -0.51
CA THR A 5 -7.97 -2.72 -0.89
C THR A 5 -8.10 -1.35 -1.57
N LYS A 8 -6.01 2.31 -3.63
CA LYS A 8 -4.73 2.18 -3.00
C LYS A 8 -3.68 3.01 -3.70
N LYS A 9 -3.01 3.80 -2.93
CA LYS A 9 -1.93 4.63 -3.41
C LYS A 9 -0.66 4.26 -2.66
N CYS A 10 0.31 3.73 -3.34
CA CYS A 10 1.56 3.43 -2.70
C CYS A 10 2.46 4.67 -2.71
N LYS A 11 2.02 5.65 -1.96
CA LYS A 11 2.78 6.86 -1.78
C LYS A 11 3.16 6.94 -0.33
N ASP A 12 2.29 6.44 0.51
CA ASP A 12 2.53 6.41 1.92
C ASP A 12 3.38 5.22 2.26
N ARG A 13 4.32 5.40 3.17
CA ARG A 13 5.26 4.35 3.55
C ARG A 13 4.56 3.14 4.15
N ARG A 14 3.41 3.34 4.76
CA ARG A 14 2.67 2.25 5.40
C ARG A 14 2.01 1.35 4.36
N CYS A 15 2.08 1.76 3.11
CA CYS A 15 1.56 0.98 2.02
C CYS A 15 2.70 0.50 1.13
N LYS A 16 3.93 0.76 1.56
CA LYS A 16 5.10 0.42 0.77
C LYS A 16 5.62 -1.03 1.00
N LEU A 18 4.10 -3.56 1.51
CA LEU A 18 3.10 -4.42 1.00
C LEU A 18 3.46 -4.88 -0.39
N LYS A 19 3.30 -6.17 -0.63
CA LYS A 19 3.59 -6.80 -1.92
C LYS A 19 2.71 -6.23 -3.02
N CYS A 20 1.60 -5.64 -2.61
CA CYS A 20 0.63 -5.02 -3.52
C CYS A 20 1.20 -3.74 -4.12
N CYS A 21 2.25 -3.22 -3.50
CA CYS A 21 2.90 -2.04 -4.01
C CYS A 21 3.87 -2.46 -5.10
N ALA A 22 3.41 -2.35 -6.31
CA ALA A 22 4.19 -2.72 -7.45
C ALA A 22 4.93 -1.51 -7.95
N ARG A 1 -5.31 -2.23 8.24
CA ARG A 1 -6.24 -2.21 7.11
C ARG A 1 -5.46 -2.28 5.83
N ASP A 2 -5.89 -3.13 4.93
CA ASP A 2 -5.26 -3.29 3.65
C ASP A 2 -5.34 -2.04 2.82
N CYS A 3 -4.19 -1.54 2.49
CA CYS A 3 -4.04 -0.36 1.68
C CYS A 3 -4.55 -0.60 0.27
N CYS A 4 -4.38 -1.82 -0.21
CA CYS A 4 -4.77 -2.19 -1.57
C CYS A 4 -6.25 -2.37 -1.76
N THR A 5 -7.03 -1.93 -0.81
CA THR A 5 -8.42 -1.94 -0.97
C THR A 5 -8.78 -0.74 -1.88
N LYS A 8 -6.83 2.27 -4.05
CA LYS A 8 -5.64 2.07 -3.29
C LYS A 8 -4.60 3.09 -3.67
N LYS A 9 -3.82 3.51 -2.72
CA LYS A 9 -2.82 4.53 -2.92
C LYS A 9 -1.53 4.13 -2.26
N CYS A 10 -0.50 3.92 -3.02
CA CYS A 10 0.77 3.58 -2.43
C CYS A 10 1.74 4.74 -2.55
N LYS A 11 1.64 5.66 -1.61
CA LYS A 11 2.56 6.80 -1.57
C LYS A 11 3.06 7.07 -0.17
N ASP A 12 2.53 6.35 0.79
CA ASP A 12 2.97 6.45 2.16
C ASP A 12 3.81 5.23 2.46
N ARG A 13 4.79 5.39 3.33
CA ARG A 13 5.68 4.30 3.74
C ARG A 13 4.89 3.10 4.26
N ARG A 14 3.78 3.37 4.92
CA ARG A 14 2.89 2.33 5.46
C ARG A 14 2.39 1.38 4.37
N CYS A 15 2.23 1.90 3.18
CA CYS A 15 1.70 1.12 2.07
C CYS A 15 2.84 0.67 1.15
N LYS A 16 4.03 1.13 1.45
CA LYS A 16 5.18 0.91 0.60
C LYS A 16 5.87 -0.51 0.78
N LEU A 18 4.46 -3.30 1.17
CA LEU A 18 3.46 -4.22 0.79
C LEU A 18 3.79 -4.83 -0.55
N LYS A 19 3.61 -6.12 -0.64
CA LYS A 19 3.94 -6.87 -1.84
C LYS A 19 2.99 -6.54 -2.98
N CYS A 20 1.87 -5.99 -2.61
CA CYS A 20 0.89 -5.50 -3.54
C CYS A 20 1.37 -4.18 -4.18
N CYS A 21 2.19 -3.44 -3.47
CA CYS A 21 2.72 -2.19 -4.00
C CYS A 21 3.96 -2.47 -4.82
N ALA A 22 4.75 -3.42 -4.36
CA ALA A 22 5.96 -3.84 -5.04
C ALA A 22 5.62 -4.61 -6.32
N ARG A 1 -7.53 -3.62 7.24
CA ARG A 1 -6.53 -2.55 7.19
C ARG A 1 -5.77 -2.54 5.86
N ASP A 2 -6.33 -3.17 4.82
CA ASP A 2 -5.62 -3.26 3.57
C ASP A 2 -5.51 -1.96 2.84
N CYS A 3 -4.29 -1.61 2.56
CA CYS A 3 -3.96 -0.40 1.86
C CYS A 3 -3.95 -0.64 0.35
N CYS A 4 -3.97 -1.91 -0.03
CA CYS A 4 -3.97 -2.26 -1.43
C CYS A 4 -5.40 -2.37 -1.97
N THR A 5 -6.36 -2.02 -1.15
CA THR A 5 -7.72 -1.95 -1.59
C THR A 5 -7.84 -0.71 -2.49
N LYS A 8 -5.26 2.19 -4.31
CA LYS A 8 -4.23 1.90 -3.34
C LYS A 8 -3.63 3.18 -2.83
N LYS A 9 -3.32 3.20 -1.57
CA LYS A 9 -2.80 4.38 -0.90
C LYS A 9 -1.29 4.28 -0.80
N CYS A 10 -0.69 3.74 -1.85
CA CYS A 10 0.76 3.50 -1.96
C CYS A 10 1.59 4.79 -2.02
N LYS A 11 0.95 5.93 -1.85
CA LYS A 11 1.66 7.20 -1.77
C LYS A 11 2.35 7.26 -0.43
N ASP A 12 1.76 6.57 0.52
CA ASP A 12 2.26 6.53 1.87
C ASP A 12 3.32 5.45 1.96
N ARG A 13 4.47 5.78 2.53
CA ARG A 13 5.60 4.87 2.60
C ARG A 13 5.31 3.63 3.43
N ARG A 14 4.35 3.71 4.33
CA ARG A 14 4.01 2.58 5.19
C ARG A 14 3.29 1.51 4.38
N CYS A 15 2.81 1.91 3.23
CA CYS A 15 2.09 1.06 2.34
C CYS A 15 3.05 0.49 1.27
N LYS A 16 4.31 0.92 1.35
CA LYS A 16 5.29 0.56 0.34
C LYS A 16 5.95 -0.85 0.56
N LEU A 18 4.60 -3.38 1.46
CA LEU A 18 3.52 -4.27 1.20
C LEU A 18 3.64 -4.86 -0.18
N LYS A 19 3.65 -6.17 -0.23
CA LYS A 19 3.78 -6.92 -1.47
C LYS A 19 2.45 -6.92 -2.22
N CYS A 20 1.43 -6.43 -1.55
CA CYS A 20 0.13 -6.24 -2.13
C CYS A 20 0.12 -4.88 -2.86
N CYS A 21 1.21 -4.14 -2.71
CA CYS A 21 1.40 -2.87 -3.38
C CYS A 21 2.47 -3.03 -4.44
N ALA A 22 2.11 -2.82 -5.68
CA ALA A 22 3.06 -2.86 -6.76
C ALA A 22 3.38 -1.44 -7.20
N ARG A 1 -6.36 -0.83 8.79
CA ARG A 1 -7.08 -1.07 7.53
C ARG A 1 -6.20 -1.92 6.63
N ASP A 2 -6.80 -2.53 5.64
CA ASP A 2 -6.01 -3.16 4.60
C ASP A 2 -5.83 -2.12 3.54
N CYS A 3 -4.75 -2.14 2.86
CA CYS A 3 -4.52 -1.15 1.83
C CYS A 3 -4.59 -1.81 0.46
N CYS A 4 -4.50 -3.13 0.45
CA CYS A 4 -4.51 -3.89 -0.80
C CYS A 4 -5.80 -3.68 -1.56
N THR A 5 -6.87 -3.53 -0.84
CA THR A 5 -8.12 -3.21 -1.42
C THR A 5 -8.09 -1.72 -1.87
N LYS A 8 -5.15 2.34 -3.40
CA LYS A 8 -3.99 2.30 -2.57
C LYS A 8 -2.91 3.20 -3.08
N LYS A 9 -2.27 3.85 -2.18
CA LYS A 9 -1.20 4.75 -2.49
C LYS A 9 0.08 4.23 -1.92
N CYS A 10 0.96 3.81 -2.77
CA CYS A 10 2.26 3.34 -2.35
C CYS A 10 3.16 4.55 -2.08
N LYS A 11 2.59 5.74 -2.28
CA LYS A 11 3.21 7.01 -2.02
C LYS A 11 3.49 7.14 -0.53
N ASP A 12 2.65 6.56 0.27
CA ASP A 12 2.84 6.62 1.68
C ASP A 12 3.37 5.28 2.16
N ARG A 13 4.21 5.34 3.18
CA ARG A 13 4.87 4.19 3.75
C ARG A 13 3.88 3.13 4.21
N ARG A 14 2.66 3.55 4.59
CA ARG A 14 1.59 2.65 5.03
C ARG A 14 1.30 1.57 3.98
N CYS A 15 1.51 1.89 2.73
CA CYS A 15 1.21 0.95 1.69
C CYS A 15 2.45 0.69 0.83
N LYS A 16 3.60 1.10 1.32
CA LYS A 16 4.82 0.98 0.53
C LYS A 16 5.66 -0.33 0.81
N LEU A 18 4.27 -3.32 1.17
CA LEU A 18 3.32 -4.35 0.87
C LEU A 18 3.51 -4.84 -0.54
N LYS A 19 3.26 -6.13 -0.76
CA LYS A 19 3.39 -6.74 -2.08
C LYS A 19 2.27 -6.30 -2.98
N CYS A 20 1.28 -5.70 -2.38
CA CYS A 20 0.16 -5.14 -3.10
C CYS A 20 0.60 -3.85 -3.82
N CYS A 21 1.80 -3.37 -3.50
CA CYS A 21 2.36 -2.24 -4.18
C CYS A 21 3.19 -2.73 -5.36
N ALA A 22 2.79 -2.35 -6.54
CA ALA A 22 3.52 -2.71 -7.73
C ALA A 22 4.40 -1.54 -8.15
N ARG A 1 -5.96 -1.09 7.74
CA ARG A 1 -5.39 -2.38 7.34
C ARG A 1 -5.56 -2.63 5.84
N ASP A 2 -6.42 -1.87 5.19
CA ASP A 2 -6.68 -2.11 3.78
C ASP A 2 -5.61 -1.46 2.93
N CYS A 3 -4.92 -2.28 2.20
CA CYS A 3 -3.89 -1.80 1.31
C CYS A 3 -4.20 -2.18 -0.13
N CYS A 4 -5.01 -3.18 -0.30
CA CYS A 4 -5.37 -3.63 -1.63
C CYS A 4 -6.75 -3.09 -2.02
N THR A 5 -7.48 -2.61 -1.04
CA THR A 5 -8.76 -2.02 -1.28
C THR A 5 -8.58 -0.69 -2.00
N LYS A 8 -6.06 2.62 -3.27
CA LYS A 8 -4.92 2.28 -2.48
C LYS A 8 -3.77 3.21 -2.80
N LYS A 9 -3.08 3.63 -1.78
CA LYS A 9 -1.99 4.57 -1.94
C LYS A 9 -0.68 3.87 -1.63
N CYS A 10 0.03 3.45 -2.66
CA CYS A 10 1.28 2.72 -2.47
C CYS A 10 2.46 3.66 -2.37
N LYS A 11 2.22 4.93 -2.59
CA LYS A 11 3.27 5.91 -2.46
C LYS A 11 3.33 6.44 -1.03
N ASP A 12 2.42 5.94 -0.22
CA ASP A 12 2.40 6.23 1.19
C ASP A 12 3.16 5.12 1.87
N ARG A 13 3.88 5.44 2.93
CA ARG A 13 4.72 4.45 3.62
C ARG A 13 3.94 3.23 4.09
N ARG A 14 2.65 3.41 4.39
CA ARG A 14 1.79 2.33 4.85
C ARG A 14 1.67 1.21 3.84
N CYS A 15 1.87 1.53 2.57
CA CYS A 15 1.82 0.53 1.53
C CYS A 15 3.09 0.53 0.73
N LYS A 16 4.11 1.15 1.24
CA LYS A 16 5.36 1.21 0.54
C LYS A 16 6.16 -0.13 0.65
N LEU A 18 4.88 -3.08 1.24
CA LEU A 18 3.92 -4.14 1.07
C LEU A 18 3.98 -4.72 -0.32
N LYS A 19 3.86 -6.03 -0.40
CA LYS A 19 3.96 -6.75 -1.67
C LYS A 19 2.70 -6.58 -2.51
N CYS A 20 1.68 -6.00 -1.93
CA CYS A 20 0.46 -5.65 -2.65
C CYS A 20 0.75 -4.41 -3.52
N CYS A 21 1.88 -3.80 -3.26
CA CYS A 21 2.32 -2.66 -3.98
C CYS A 21 3.68 -2.94 -4.56
N ALA A 22 4.15 -2.09 -5.44
CA ALA A 22 5.44 -2.28 -6.04
C ALA A 22 6.52 -1.84 -5.07
N ARG A 1 -4.74 -0.32 8.57
CA ARG A 1 -4.37 0.54 7.46
C ARG A 1 -4.66 -0.21 6.16
N ASP A 2 -5.78 0.11 5.55
CA ASP A 2 -6.18 -0.53 4.31
C ASP A 2 -5.50 0.19 3.18
N CYS A 3 -4.60 -0.47 2.54
CA CYS A 3 -3.92 0.11 1.43
C CYS A 3 -4.14 -0.73 0.19
N CYS A 4 -3.99 -2.05 0.32
CA CYS A 4 -4.14 -2.99 -0.80
C CYS A 4 -5.56 -3.02 -1.35
N THR A 5 -6.51 -2.70 -0.52
CA THR A 5 -7.87 -2.66 -0.95
C THR A 5 -8.05 -1.47 -1.89
N LYS A 8 -6.08 1.24 -4.44
CA LYS A 8 -4.82 1.12 -3.76
C LYS A 8 -3.86 2.13 -4.30
N LYS A 9 -3.36 2.90 -3.41
CA LYS A 9 -2.45 3.97 -3.70
C LYS A 9 -1.31 3.90 -2.74
N CYS A 10 -0.17 3.48 -3.23
CA CYS A 10 1.01 3.35 -2.41
C CYS A 10 1.63 4.72 -2.09
N LYS A 11 1.09 5.37 -1.08
CA LYS A 11 1.59 6.66 -0.67
C LYS A 11 2.08 6.60 0.77
N ASP A 12 1.36 5.89 1.61
CA ASP A 12 1.74 5.77 3.01
C ASP A 12 2.89 4.78 3.14
N ARG A 13 3.75 4.99 4.13
CA ARG A 13 4.90 4.10 4.35
C ARG A 13 4.45 2.66 4.63
N ARG A 14 3.26 2.49 5.19
CA ARG A 14 2.70 1.17 5.48
C ARG A 14 2.39 0.41 4.20
N CYS A 15 2.32 1.12 3.10
CA CYS A 15 2.05 0.52 1.81
C CYS A 15 3.33 0.02 1.17
N LYS A 16 4.47 0.43 1.71
CA LYS A 16 5.75 0.12 1.10
C LYS A 16 6.23 -1.34 1.33
N LEU A 18 4.27 -3.76 1.43
CA LEU A 18 3.21 -4.50 0.81
C LEU A 18 3.55 -4.79 -0.62
N LYS A 19 3.33 -6.03 -1.01
CA LYS A 19 3.60 -6.49 -2.38
C LYS A 19 2.61 -5.85 -3.37
N CYS A 20 1.61 -5.19 -2.82
CA CYS A 20 0.61 -4.49 -3.58
C CYS A 20 1.23 -3.23 -4.19
N CYS A 21 2.33 -2.78 -3.61
CA CYS A 21 3.01 -1.58 -4.05
C CYS A 21 3.95 -1.94 -5.21
N ALA A 22 3.37 -2.04 -6.40
CA ALA A 22 4.08 -2.39 -7.61
C ALA A 22 3.18 -2.08 -8.80
#